data_6Q9F
#
_entry.id   6Q9F
#
_cell.length_a   49.808
_cell.length_b   91.541
_cell.length_c   122.900
_cell.angle_alpha   90.00
_cell.angle_beta   90.00
_cell.angle_gamma   90.00
#
_symmetry.space_group_name_H-M   'P 21 21 21'
#
loop_
_entity.id
_entity.type
_entity.pdbx_description
1 polymer 'Aspartyl/asparaginyl beta-hydroxylase'
2 polymer 'Coagulation factor X'
3 non-polymer 'MANGANESE (II) ION'
4 non-polymer N-OXALYLGLYCINE
5 non-polymer GLYCEROL
6 water water
#
loop_
_entity_poly.entity_id
_entity_poly.type
_entity_poly.pdbx_seq_one_letter_code
_entity_poly.pdbx_strand_id
1 'polypeptide(L)'
;KPKLLNKFDKTIKAELDAAEKLRKRGKIEEAVNAFKELVRKYPQSPRARYGKAQCEDDLAEKRRSNEVLRGAIETYQEVA
SLPDVPADLLKLSLKRRSDRQQFLGHMRGSLLTLQRLVQLFPNDTSLKNDLGVGYLLIGDNDNAKKVYEEVLSVTPNDGF
AKVHYGFILKAQNKIAESIPYLKEGIESGDPGTDDGRFYFHLGDAMQRVGNKEAYKWYELGHKRGHFASVWQRSLYNVNG
LKAQPWWTPKETGYTELVKSLERNWKLIRDEGLAVMDKAKGLFLPEDENLREKGDWSQFTLWQQGRRNENACKGAPKTCT
LLEKFPETTGCRRGQIKYSIMHPGTHVWPATGPTNCRLRMHLGLVIPKEGCKIRCANETKTWEEGKVLIFDDSFEHEVWQ
DASSFRLIFIVDVWHPELTPQQRRSLPAI
;
A
2 'polypeptide(L)' DGDQSETSPSQNQGKCKDGLGEYTCTSLEGFEGKNSELF B
#
# COMPACT_ATOMS: atom_id res chain seq x y z
N LYS A 1 35.22 7.76 2.97
CA LYS A 1 35.15 8.99 2.18
C LYS A 1 35.06 8.63 0.69
N PRO A 2 33.92 8.93 0.06
CA PRO A 2 33.77 8.58 -1.36
C PRO A 2 34.80 9.30 -2.22
N LYS A 3 35.22 8.62 -3.27
CA LYS A 3 36.11 9.18 -4.28
C LYS A 3 35.21 9.66 -5.42
N LEU A 4 34.95 10.96 -5.47
CA LEU A 4 34.05 11.53 -6.46
C LEU A 4 34.76 12.29 -7.56
N LEU A 5 36.07 12.49 -7.48
CA LEU A 5 36.78 13.31 -8.47
C LEU A 5 37.67 12.45 -9.36
N ASN A 6 37.41 12.47 -10.67
CA ASN A 6 38.37 11.90 -11.61
C ASN A 6 39.60 12.82 -11.75
N LYS A 7 40.50 12.38 -12.62
CA LYS A 7 41.77 13.06 -12.78
C LYS A 7 41.55 14.53 -13.12
N PHE A 8 40.70 14.79 -14.11
CA PHE A 8 40.53 16.18 -14.51
C PHE A 8 39.83 16.99 -13.42
N ASP A 9 38.81 16.42 -12.80
CA ASP A 9 38.08 17.13 -11.76
C ASP A 9 39.00 17.51 -10.60
N LYS A 10 40.04 16.72 -10.32
CA LYS A 10 41.00 17.17 -9.29
C LYS A 10 41.71 18.46 -9.65
N THR A 11 41.88 18.75 -10.94
CA THR A 11 42.56 19.98 -11.32
C THR A 11 41.65 21.20 -11.17
N ILE A 12 40.35 21.02 -11.02
CA ILE A 12 39.43 22.14 -10.82
C ILE A 12 38.71 22.00 -9.47
N LYS A 13 39.27 21.19 -8.59
CA LYS A 13 38.67 21.00 -7.28
C LYS A 13 38.36 22.31 -6.57
N ALA A 14 39.16 23.36 -6.78
CA ALA A 14 38.86 24.64 -6.12
C ALA A 14 37.51 25.17 -6.55
N GLU A 15 37.28 25.27 -7.87
CA GLU A 15 36.00 25.75 -8.39
C GLU A 15 34.86 24.87 -7.92
N LEU A 16 35.07 23.54 -7.98
CA LEU A 16 34.04 22.60 -7.56
C LEU A 16 33.69 22.76 -6.08
N ASP A 17 34.71 22.95 -5.25
CA ASP A 17 34.50 23.14 -3.82
C ASP A 17 33.76 24.45 -3.56
N ALA A 18 34.09 25.49 -4.32
CA ALA A 18 33.43 26.78 -4.08
C ALA A 18 31.94 26.67 -4.38
N ALA A 19 31.60 26.01 -5.49
CA ALA A 19 30.18 25.86 -5.83
C ALA A 19 29.47 25.00 -4.82
N GLU A 20 30.10 23.89 -4.41
CA GLU A 20 29.48 23.02 -3.43
C GLU A 20 29.31 23.74 -2.10
N LYS A 21 30.25 24.65 -1.78
CA LYS A 21 30.12 25.43 -0.56
C LYS A 21 28.86 26.28 -0.61
N LEU A 22 28.65 26.99 -1.73
CA LEU A 22 27.41 27.74 -1.88
C LEU A 22 26.23 26.83 -1.62
N ARG A 23 26.25 25.62 -2.19
CA ARG A 23 25.07 24.74 -2.05
C ARG A 23 24.83 24.32 -0.61
N LYS A 24 25.90 23.92 0.09
CA LYS A 24 25.73 23.45 1.46
C LYS A 24 25.46 24.59 2.44
N ARG A 25 25.91 25.81 2.12
CA ARG A 25 25.55 27.00 2.89
C ARG A 25 24.08 27.35 2.70
N GLY A 26 23.35 26.64 1.84
CA GLY A 26 21.97 26.92 1.56
C GLY A 26 21.72 27.95 0.48
N LYS A 27 22.77 28.58 -0.07
CA LYS A 27 22.61 29.56 -1.15
C LYS A 27 22.39 28.81 -2.46
N ILE A 28 21.20 28.23 -2.59
CA ILE A 28 20.97 27.27 -3.66
C ILE A 28 20.91 27.94 -5.02
N GLU A 29 20.35 29.15 -5.10
CA GLU A 29 20.27 29.82 -6.40
C GLU A 29 21.67 30.10 -6.93
N GLU A 30 22.52 30.68 -6.09
CA GLU A 30 23.91 30.91 -6.45
C GLU A 30 24.61 29.61 -6.79
N ALA A 31 24.31 28.54 -6.06
CA ALA A 31 24.95 27.25 -6.33
C ALA A 31 24.56 26.73 -7.70
N VAL A 32 23.28 26.85 -8.05
CA VAL A 32 22.84 26.39 -9.37
C VAL A 32 23.60 27.14 -10.45
N ASN A 33 23.70 28.46 -10.30
CA ASN A 33 24.40 29.23 -11.32
C ASN A 33 25.88 28.86 -11.37
N ALA A 34 26.50 28.65 -10.20
CA ALA A 34 27.91 28.32 -10.16
C ALA A 34 28.18 26.98 -10.86
N PHE A 35 27.34 25.98 -10.60
CA PHE A 35 27.55 24.68 -11.23
C PHE A 35 27.18 24.71 -12.70
N LYS A 36 26.19 25.54 -13.08
CA LYS A 36 25.87 25.70 -14.49
C LYS A 36 27.06 26.30 -15.24
N GLU A 37 27.73 27.27 -14.62
CA GLU A 37 28.95 27.83 -15.18
C GLU A 37 30.04 26.78 -15.29
N LEU A 38 30.21 25.93 -14.27
CA LEU A 38 31.19 24.86 -14.35
C LEU A 38 30.85 23.84 -15.42
N VAL A 39 29.56 23.54 -15.61
CA VAL A 39 29.16 22.59 -16.65
C VAL A 39 29.39 23.18 -18.04
N ARG A 40 29.08 24.45 -18.26
CA ARG A 40 29.36 25.00 -19.59
C ARG A 40 30.87 25.10 -19.84
N LYS A 41 31.64 25.42 -18.81
CA LYS A 41 33.09 25.53 -18.96
C LYS A 41 33.76 24.17 -19.08
N TYR A 42 33.29 23.18 -18.33
CA TYR A 42 33.88 21.84 -18.23
C TYR A 42 32.76 20.86 -18.54
N PRO A 43 32.35 20.78 -19.82
CA PRO A 43 31.14 20.02 -20.15
C PRO A 43 31.27 18.55 -19.89
N GLN A 44 32.49 18.05 -19.75
CA GLN A 44 32.67 16.63 -19.49
C GLN A 44 32.80 16.31 -18.02
N SER A 45 32.79 17.32 -17.14
CA SER A 45 33.09 17.09 -15.73
C SER A 45 31.94 16.35 -15.04
N PRO A 46 32.19 15.16 -14.49
CA PRO A 46 31.12 14.46 -13.76
C PRO A 46 30.80 15.12 -12.44
N ARG A 47 31.80 15.67 -11.73
CA ARG A 47 31.50 16.31 -10.45
C ARG A 47 30.71 17.60 -10.66
N ALA A 48 31.02 18.37 -11.71
CA ALA A 48 30.24 19.55 -11.98
C ALA A 48 28.80 19.19 -12.31
N ARG A 49 28.62 18.12 -13.11
CA ARG A 49 27.27 17.71 -13.51
C ARG A 49 26.47 17.19 -12.32
N TYR A 50 27.13 16.44 -11.43
CA TYR A 50 26.50 16.00 -10.19
C TYR A 50 26.12 17.19 -9.32
N GLY A 51 26.97 18.20 -9.26
CA GLY A 51 26.60 19.38 -8.50
C GLY A 51 25.35 20.06 -9.04
N LYS A 52 25.28 20.23 -10.36
CA LYS A 52 24.05 20.75 -10.95
C LYS A 52 22.83 19.92 -10.52
N ALA A 53 22.94 18.59 -10.59
CA ALA A 53 21.81 17.75 -10.22
C ALA A 53 21.43 17.91 -8.74
N GLN A 54 22.43 17.89 -7.86
CA GLN A 54 22.16 18.05 -6.43
C GLN A 54 21.55 19.41 -6.11
N CYS A 55 21.96 20.44 -6.84
CA CYS A 55 21.35 21.76 -6.66
C CYS A 55 19.89 21.75 -7.08
N GLU A 56 19.57 21.12 -8.20
CA GLU A 56 18.18 21.00 -8.64
C GLU A 56 17.33 20.22 -7.63
N ASP A 57 17.88 19.13 -7.11
CA ASP A 57 17.28 18.34 -6.03
C ASP A 57 16.95 19.21 -4.82
N ASP A 58 17.96 19.95 -4.34
CA ASP A 58 17.75 20.81 -3.19
C ASP A 58 16.67 21.85 -3.49
N LEU A 59 16.67 22.38 -4.72
CA LEU A 59 15.69 23.39 -5.09
C LEU A 59 14.30 22.80 -5.09
N ALA A 60 14.21 21.56 -5.54
CA ALA A 60 12.93 20.89 -5.60
C ALA A 60 12.39 20.74 -4.20
N GLU A 61 13.25 20.36 -3.25
CA GLU A 61 12.80 20.29 -1.85
C GLU A 61 12.37 21.65 -1.34
N LYS A 62 13.16 22.70 -1.61
CA LYS A 62 12.82 24.04 -1.13
C LYS A 62 11.46 24.47 -1.67
N ARG A 63 11.22 24.26 -2.96
N ARG A 63 11.23 24.26 -2.97
CA ARG A 63 9.97 24.70 -3.58
CA ARG A 63 9.98 24.67 -3.61
C ARG A 63 8.86 23.65 -3.54
C ARG A 63 8.89 23.61 -3.55
N ARG A 64 9.11 22.49 -2.97
N ARG A 64 9.17 22.42 -3.02
CA ARG A 64 8.21 21.34 -3.06
CA ARG A 64 8.22 21.30 -3.05
C ARG A 64 7.65 21.17 -4.47
C ARG A 64 7.66 21.14 -4.46
N SER A 65 8.55 21.17 -5.45
CA SER A 65 8.19 21.12 -6.85
C SER A 65 8.63 19.81 -7.52
N ASN A 66 7.63 19.06 -7.98
CA ASN A 66 7.88 17.84 -8.75
C ASN A 66 8.53 18.16 -10.08
N GLU A 67 8.19 19.29 -10.67
CA GLU A 67 8.80 19.68 -11.95
C GLU A 67 10.31 19.88 -11.84
N VAL A 68 10.73 20.64 -10.81
CA VAL A 68 12.16 20.83 -10.61
C VAL A 68 12.83 19.49 -10.34
N LEU A 69 12.17 18.61 -9.58
CA LEU A 69 12.77 17.30 -9.30
C LEU A 69 12.93 16.44 -10.57
N ARG A 70 11.98 16.51 -11.49
CA ARG A 70 12.14 15.79 -12.77
C ARG A 70 13.37 16.28 -13.51
N GLY A 71 13.60 17.59 -13.44
CA GLY A 71 14.83 18.12 -13.97
C GLY A 71 16.06 17.47 -13.35
N ALA A 72 16.07 17.38 -12.02
CA ALA A 72 17.20 16.78 -11.32
C ALA A 72 17.41 15.34 -11.76
N ILE A 73 16.31 14.59 -11.93
CA ILE A 73 16.39 13.17 -12.33
C ILE A 73 17.13 13.04 -13.66
N GLU A 74 16.82 13.94 -14.58
CA GLU A 74 17.56 13.96 -15.85
C GLU A 74 19.04 14.32 -15.67
N THR A 75 19.34 15.31 -14.84
CA THR A 75 20.77 15.62 -14.69
C THR A 75 21.55 14.44 -14.04
N TYR A 76 20.94 13.73 -13.10
CA TYR A 76 21.63 12.59 -12.52
C TYR A 76 21.97 11.56 -13.60
N GLN A 77 21.07 11.39 -14.57
CA GLN A 77 21.42 10.49 -15.68
C GLN A 77 22.56 11.03 -16.56
N GLU A 78 22.56 12.35 -16.78
CA GLU A 78 23.62 12.98 -17.55
C GLU A 78 24.97 12.65 -16.93
N VAL A 79 25.03 12.75 -15.60
CA VAL A 79 26.28 12.41 -14.91
C VAL A 79 26.78 11.07 -15.40
N ALA A 80 25.88 10.08 -15.44
CA ALA A 80 26.36 8.74 -15.76
C ALA A 80 26.70 8.60 -17.22
N SER A 81 26.29 9.56 -18.03
CA SER A 81 26.56 9.50 -19.46
C SER A 81 27.91 10.10 -19.82
N LEU A 82 28.56 10.77 -18.86
CA LEU A 82 29.84 11.44 -19.14
C LEU A 82 31.02 10.46 -19.16
N PRO A 83 32.16 10.88 -19.71
CA PRO A 83 33.36 10.03 -19.67
C PRO A 83 34.04 10.02 -18.31
N ASP A 84 34.66 8.87 -18.01
CA ASP A 84 35.59 8.74 -16.88
C ASP A 84 34.93 9.10 -15.54
N VAL A 85 33.74 8.54 -15.32
CA VAL A 85 33.03 8.81 -14.07
C VAL A 85 33.56 7.87 -12.98
N PRO A 86 34.01 8.40 -11.83
CA PRO A 86 34.45 7.54 -10.74
C PRO A 86 33.31 6.65 -10.27
N ALA A 87 33.66 5.41 -9.91
CA ALA A 87 32.66 4.41 -9.55
C ALA A 87 31.73 4.88 -8.42
N ASP A 88 32.29 5.49 -7.37
CA ASP A 88 31.46 5.92 -6.24
C ASP A 88 30.46 6.99 -6.68
N LEU A 89 30.89 7.90 -7.57
CA LEU A 89 30.00 8.94 -8.10
C LEU A 89 28.91 8.34 -9.00
N LEU A 90 29.29 7.42 -9.89
CA LEU A 90 28.33 6.76 -10.75
C LEU A 90 27.24 6.10 -9.91
N LYS A 91 27.67 5.40 -8.85
CA LYS A 91 26.70 4.73 -7.99
C LYS A 91 25.83 5.73 -7.25
N LEU A 92 26.40 6.80 -6.70
CA LEU A 92 25.58 7.77 -5.98
C LEU A 92 24.56 8.42 -6.90
N SER A 93 25.00 8.79 -8.10
CA SER A 93 24.16 9.53 -9.03
C SER A 93 22.97 8.69 -9.46
N LEU A 94 23.22 7.44 -9.86
CA LEU A 94 22.11 6.61 -10.34
C LEU A 94 21.24 6.12 -9.19
N LYS A 95 21.83 5.87 -8.01
CA LYS A 95 20.97 5.54 -6.88
C LYS A 95 20.01 6.68 -6.58
N ARG A 96 20.51 7.92 -6.50
CA ARG A 96 19.63 9.03 -6.16
C ARG A 96 18.59 9.23 -7.25
N ARG A 97 18.98 9.01 -8.50
CA ARG A 97 18.01 9.04 -9.58
C ARG A 97 16.86 8.09 -9.32
N SER A 98 17.19 6.83 -9.00
CA SER A 98 16.15 5.84 -8.78
C SER A 98 15.29 6.23 -7.59
N ASP A 99 15.92 6.74 -6.53
CA ASP A 99 15.18 7.09 -5.31
C ASP A 99 14.19 8.23 -5.58
N ARG A 100 14.60 9.21 -6.39
CA ARG A 100 13.68 10.32 -6.68
C ARG A 100 12.61 9.91 -7.68
N GLN A 101 12.95 9.06 -8.66
CA GLN A 101 11.91 8.47 -9.48
C GLN A 101 10.86 7.77 -8.59
N GLN A 102 11.31 7.00 -7.61
CA GLN A 102 10.30 6.31 -6.77
C GLN A 102 9.48 7.33 -5.97
N PHE A 103 10.12 8.38 -5.48
CA PHE A 103 9.43 9.41 -4.71
C PHE A 103 8.35 10.08 -5.56
N LEU A 104 8.62 10.26 -6.86
CA LEU A 104 7.62 10.82 -7.76
C LEU A 104 6.59 9.82 -8.25
N GLY A 105 6.80 8.54 -7.98
CA GLY A 105 5.91 7.50 -8.46
C GLY A 105 6.26 6.94 -9.82
N HIS A 106 7.44 7.25 -10.35
CA HIS A 106 7.86 6.70 -11.62
C HIS A 106 8.50 5.34 -11.38
N MET A 107 7.67 4.33 -11.11
CA MET A 107 8.22 3.06 -10.66
C MET A 107 8.88 2.27 -11.80
N ARG A 108 8.32 2.33 -13.01
CA ARG A 108 8.98 1.68 -14.14
C ARG A 108 10.30 2.36 -14.46
N GLY A 109 10.32 3.68 -14.36
CA GLY A 109 11.58 4.39 -14.58
C GLY A 109 12.62 4.03 -13.53
N SER A 110 12.20 4.05 -12.26
CA SER A 110 13.10 3.60 -11.20
C SER A 110 13.61 2.19 -11.47
N LEU A 111 12.73 1.29 -11.90
CA LEU A 111 13.18 -0.07 -12.15
C LEU A 111 14.29 -0.11 -13.20
N LEU A 112 14.13 0.64 -14.26
CA LEU A 112 15.16 0.62 -15.30
C LEU A 112 16.50 1.15 -14.79
N THR A 113 16.46 2.20 -13.98
CA THR A 113 17.71 2.67 -13.36
C THR A 113 18.35 1.59 -12.49
N LEU A 114 17.53 0.87 -11.73
CA LEU A 114 18.06 -0.14 -10.82
C LEU A 114 18.65 -1.32 -11.59
N GLN A 115 18.02 -1.69 -12.70
CA GLN A 115 18.58 -2.76 -13.52
C GLN A 115 19.95 -2.34 -14.04
N ARG A 116 20.06 -1.09 -14.47
CA ARG A 116 21.35 -0.59 -14.92
C ARG A 116 22.38 -0.61 -13.80
N LEU A 117 22.00 -0.17 -12.60
CA LEU A 117 22.91 -0.23 -11.46
C LEU A 117 23.43 -1.63 -11.21
N VAL A 118 22.55 -2.64 -11.23
CA VAL A 118 23.02 -4.00 -10.98
C VAL A 118 23.92 -4.49 -12.11
N GLN A 119 23.69 -4.04 -13.34
CA GLN A 119 24.62 -4.42 -14.41
C GLN A 119 25.99 -3.80 -14.16
N LEU A 120 26.01 -2.53 -13.72
CA LEU A 120 27.28 -1.81 -13.60
C LEU A 120 28.07 -2.29 -12.39
N PHE A 121 27.38 -2.76 -11.35
CA PHE A 121 28.00 -3.21 -10.10
C PHE A 121 27.50 -4.59 -9.71
N PRO A 122 28.02 -5.64 -10.36
CA PRO A 122 27.47 -6.99 -10.14
C PRO A 122 27.78 -7.58 -8.76
N ASN A 123 28.74 -7.05 -8.00
CA ASN A 123 29.03 -7.61 -6.69
C ASN A 123 28.39 -6.83 -5.54
N ASP A 124 27.49 -5.86 -5.82
CA ASP A 124 26.87 -5.06 -4.76
C ASP A 124 25.52 -5.70 -4.41
N THR A 125 25.50 -6.48 -3.33
N THR A 125 25.52 -6.47 -3.31
CA THR A 125 24.25 -7.14 -2.96
CA THR A 125 24.31 -7.13 -2.86
C THR A 125 23.19 -6.12 -2.54
C THR A 125 23.21 -6.13 -2.54
N SER A 126 23.56 -4.97 -1.96
CA SER A 126 22.52 -4.01 -1.58
C SER A 126 21.81 -3.49 -2.80
N LEU A 127 22.53 -3.37 -3.92
CA LEU A 127 21.87 -2.90 -5.13
C LEU A 127 20.91 -3.95 -5.65
N LYS A 128 21.28 -5.22 -5.48
CA LYS A 128 20.36 -6.30 -5.83
C LYS A 128 19.09 -6.24 -4.97
N ASN A 129 19.27 -6.03 -3.68
CA ASN A 129 18.11 -5.87 -2.79
C ASN A 129 17.21 -4.72 -3.26
N ASP A 130 17.83 -3.60 -3.66
CA ASP A 130 17.05 -2.45 -4.13
C ASP A 130 16.32 -2.76 -5.44
N LEU A 131 16.97 -3.53 -6.31
CA LEU A 131 16.32 -3.99 -7.53
C LEU A 131 15.08 -4.81 -7.23
N GLY A 132 15.19 -5.72 -6.26
CA GLY A 132 14.04 -6.51 -5.84
C GLY A 132 12.88 -5.63 -5.44
N VAL A 133 13.16 -4.55 -4.69
CA VAL A 133 12.12 -3.58 -4.32
C VAL A 133 11.50 -2.96 -5.57
N GLY A 134 12.35 -2.55 -6.52
CA GLY A 134 11.86 -2.05 -7.81
C GLY A 134 10.83 -2.98 -8.45
N TYR A 135 11.15 -4.28 -8.49
CA TYR A 135 10.23 -5.28 -9.07
C TYR A 135 8.96 -5.36 -8.24
N LEU A 136 9.09 -5.35 -6.92
CA LEU A 136 7.89 -5.43 -6.09
C LEU A 136 6.98 -4.23 -6.34
N LEU A 137 7.57 -3.04 -6.50
CA LEU A 137 6.77 -1.83 -6.67
C LEU A 137 6.05 -1.81 -8.01
N ILE A 138 6.48 -2.58 -9.01
CA ILE A 138 5.63 -2.64 -10.22
C ILE A 138 4.71 -3.85 -10.26
N GLY A 139 4.69 -4.63 -9.19
CA GLY A 139 3.87 -5.81 -9.15
C GLY A 139 4.48 -7.05 -9.78
N ASP A 140 5.80 -7.06 -10.02
CA ASP A 140 6.48 -8.21 -10.61
C ASP A 140 7.13 -9.07 -9.53
N ASN A 141 6.26 -9.82 -8.85
CA ASN A 141 6.69 -10.67 -7.76
C ASN A 141 7.57 -11.80 -8.22
N ASP A 142 7.36 -12.35 -9.42
CA ASP A 142 8.21 -13.45 -9.89
C ASP A 142 9.67 -12.99 -10.03
N ASN A 143 9.88 -11.80 -10.63
CA ASN A 143 11.26 -11.34 -10.79
C ASN A 143 11.84 -10.91 -9.45
N ALA A 144 11.02 -10.28 -8.60
CA ALA A 144 11.51 -9.96 -7.25
C ALA A 144 12.00 -11.21 -6.53
N LYS A 145 11.22 -12.30 -6.63
CA LYS A 145 11.57 -13.52 -5.94
C LYS A 145 12.91 -14.05 -6.44
N LYS A 146 13.12 -14.00 -7.75
CA LYS A 146 14.42 -14.46 -8.27
C LYS A 146 15.57 -13.62 -7.75
N VAL A 147 15.38 -12.30 -7.69
CA VAL A 147 16.43 -11.43 -7.21
C VAL A 147 16.82 -11.81 -5.78
N TYR A 148 15.82 -11.97 -4.91
CA TYR A 148 16.14 -12.29 -3.52
C TYR A 148 16.71 -13.69 -3.38
N GLU A 149 16.34 -14.62 -4.27
CA GLU A 149 16.96 -15.94 -4.25
C GLU A 149 18.43 -15.86 -4.58
N GLU A 150 18.77 -15.03 -5.55
CA GLU A 150 20.18 -14.81 -5.88
C GLU A 150 20.92 -14.19 -4.69
N VAL A 151 20.32 -13.16 -4.10
CA VAL A 151 20.96 -12.53 -2.96
C VAL A 151 21.24 -13.55 -1.87
N LEU A 152 20.24 -14.36 -1.52
CA LEU A 152 20.41 -15.33 -0.44
C LEU A 152 21.39 -16.43 -0.82
N SER A 153 21.49 -16.74 -2.12
CA SER A 153 22.44 -17.76 -2.55
C SER A 153 23.87 -17.31 -2.31
N VAL A 154 24.12 -16.00 -2.30
CA VAL A 154 25.49 -15.53 -2.04
C VAL A 154 25.68 -15.10 -0.60
N THR A 155 24.71 -14.38 -0.03
N THR A 155 24.71 -14.36 -0.05
CA THR A 155 24.77 -13.90 1.34
CA THR A 155 24.73 -13.87 1.33
C THR A 155 23.53 -14.45 2.04
C THR A 155 23.51 -14.45 2.02
N PRO A 156 23.59 -15.71 2.50
CA PRO A 156 22.37 -16.34 3.06
C PRO A 156 21.85 -15.69 4.32
N ASN A 157 22.67 -14.91 5.03
CA ASN A 157 22.22 -14.28 6.26
C ASN A 157 21.76 -12.83 6.05
N ASP A 158 21.56 -12.40 4.81
CA ASP A 158 21.09 -11.03 4.56
C ASP A 158 19.65 -10.86 5.04
N GLY A 159 19.46 -10.04 6.08
CA GLY A 159 18.14 -9.92 6.68
C GLY A 159 17.13 -9.27 5.76
N PHE A 160 17.54 -8.25 5.01
CA PHE A 160 16.64 -7.57 4.09
C PHE A 160 16.10 -8.53 3.02
N ALA A 161 17.00 -9.32 2.43
CA ALA A 161 16.56 -10.32 1.47
C ALA A 161 15.66 -11.37 2.14
N LYS A 162 15.99 -11.75 3.38
CA LYS A 162 15.14 -12.72 4.08
C LYS A 162 13.72 -12.20 4.25
N VAL A 163 13.55 -10.98 4.76
CA VAL A 163 12.19 -10.49 4.99
C VAL A 163 11.46 -10.35 3.67
N HIS A 164 12.14 -9.88 2.62
CA HIS A 164 11.41 -9.68 1.37
C HIS A 164 11.05 -11.01 0.71
N TYR A 165 11.93 -11.99 0.79
CA TYR A 165 11.61 -13.32 0.30
C TYR A 165 10.44 -13.91 1.08
N GLY A 166 10.46 -13.79 2.40
CA GLY A 166 9.32 -14.25 3.18
C GLY A 166 8.03 -13.53 2.82
N PHE A 167 8.11 -12.22 2.59
CA PHE A 167 6.91 -11.47 2.16
C PHE A 167 6.34 -12.06 0.87
N ILE A 168 7.22 -12.34 -0.09
CA ILE A 168 6.82 -12.88 -1.38
C ILE A 168 6.18 -14.24 -1.20
N LEU A 169 6.85 -15.12 -0.44
CA LEU A 169 6.32 -16.44 -0.16
C LEU A 169 4.93 -16.33 0.47
N LYS A 170 4.78 -15.44 1.45
CA LYS A 170 3.49 -15.33 2.13
C LYS A 170 2.42 -14.89 1.15
N ALA A 171 2.78 -13.95 0.27
CA ALA A 171 1.83 -13.44 -0.73
C ALA A 171 1.43 -14.51 -1.72
N GLN A 172 2.33 -15.48 -1.99
CA GLN A 172 2.00 -16.64 -2.81
C GLN A 172 1.26 -17.74 -2.04
N ASN A 173 0.82 -17.47 -0.82
CA ASN A 173 0.15 -18.46 0.03
C ASN A 173 1.06 -19.61 0.48
N LYS A 174 2.38 -19.44 0.44
CA LYS A 174 3.34 -20.41 0.98
C LYS A 174 3.62 -20.05 2.43
N ILE A 175 2.61 -20.32 3.27
CA ILE A 175 2.51 -19.68 4.59
C ILE A 175 3.59 -20.23 5.51
N ALA A 176 3.56 -21.56 5.72
CA ALA A 176 4.59 -22.22 6.53
C ALA A 176 5.99 -21.83 6.08
N GLU A 177 6.25 -21.85 4.77
CA GLU A 177 7.58 -21.56 4.25
C GLU A 177 7.98 -20.13 4.55
N SER A 178 7.01 -19.20 4.51
CA SER A 178 7.33 -17.78 4.68
C SER A 178 7.77 -17.48 6.10
N ILE A 179 7.27 -18.24 7.07
CA ILE A 179 7.47 -17.86 8.48
C ILE A 179 8.92 -17.81 8.87
N PRO A 180 9.78 -18.78 8.59
CA PRO A 180 11.18 -18.66 9.00
C PRO A 180 11.89 -17.47 8.35
N TYR A 181 11.55 -17.13 7.10
CA TYR A 181 12.22 -16.01 6.46
C TYR A 181 11.80 -14.69 7.08
N LEU A 182 10.50 -14.49 7.30
CA LEU A 182 10.02 -13.28 7.93
C LEU A 182 10.61 -13.11 9.31
N LYS A 183 10.57 -14.18 10.12
CA LYS A 183 11.05 -14.17 11.50
C LYS A 183 12.55 -13.92 11.56
N GLU A 184 13.33 -14.71 10.81
CA GLU A 184 14.78 -14.53 10.83
C GLU A 184 15.15 -13.16 10.30
N GLY A 185 14.44 -12.67 9.29
CA GLY A 185 14.73 -11.35 8.75
C GLY A 185 14.47 -10.24 9.74
N ILE A 186 13.31 -10.27 10.41
CA ILE A 186 13.07 -9.26 11.43
C ILE A 186 14.10 -9.38 12.55
N GLU A 187 14.40 -10.60 12.98
CA GLU A 187 15.36 -10.78 14.08
C GLU A 187 16.77 -10.36 13.68
N SER A 188 17.09 -10.36 12.39
CA SER A 188 18.42 -9.94 11.96
C SER A 188 18.76 -8.53 12.43
N GLY A 189 17.75 -7.66 12.54
CA GLY A 189 17.96 -6.26 12.81
C GLY A 189 18.58 -5.46 11.69
N ASP A 190 18.76 -6.05 10.51
CA ASP A 190 19.40 -5.36 9.42
C ASP A 190 18.58 -4.17 8.94
N PRO A 191 19.23 -3.17 8.35
CA PRO A 191 18.49 -2.01 7.86
C PRO A 191 17.40 -2.41 6.87
N GLY A 192 16.22 -1.85 7.08
CA GLY A 192 15.12 -2.12 6.19
C GLY A 192 14.24 -3.25 6.64
N THR A 193 14.61 -3.96 7.71
CA THR A 193 13.79 -5.07 8.17
C THR A 193 12.77 -4.67 9.24
N ASP A 194 12.94 -3.52 9.89
CA ASP A 194 12.06 -3.11 10.99
C ASP A 194 10.91 -2.36 10.32
N ASP A 195 10.03 -3.13 9.69
CA ASP A 195 9.02 -2.60 8.80
C ASP A 195 7.69 -3.25 9.15
N GLY A 196 6.65 -2.45 9.29
CA GLY A 196 5.37 -2.97 9.73
C GLY A 196 4.86 -4.10 8.86
N ARG A 197 5.12 -4.04 7.56
CA ARG A 197 4.61 -5.06 6.65
C ARG A 197 5.03 -6.46 7.09
N PHE A 198 6.25 -6.59 7.63
CA PHE A 198 6.78 -7.91 7.92
C PHE A 198 6.25 -8.40 9.25
N TYR A 199 6.07 -7.51 10.24
CA TYR A 199 5.37 -7.92 11.46
C TYR A 199 3.94 -8.36 11.15
N PHE A 200 3.24 -7.55 10.37
CA PHE A 200 1.87 -7.81 9.98
C PHE A 200 1.74 -9.20 9.36
N HIS A 201 2.58 -9.50 8.37
CA HIS A 201 2.41 -10.76 7.67
C HIS A 201 3.02 -11.95 8.41
N LEU A 202 4.02 -11.75 9.26
CA LEU A 202 4.52 -12.84 10.07
C LEU A 202 3.45 -13.31 11.04
N GLY A 203 2.81 -12.35 11.72
CA GLY A 203 1.74 -12.70 12.62
C GLY A 203 0.57 -13.34 11.91
N ASP A 204 0.23 -12.82 10.73
CA ASP A 204 -0.90 -13.40 10.01
C ASP A 204 -0.59 -14.84 9.60
N ALA A 205 0.65 -15.09 9.13
CA ALA A 205 1.01 -16.45 8.70
C ALA A 205 0.95 -17.43 9.87
N MET A 206 1.50 -17.02 11.01
CA MET A 206 1.41 -17.86 12.21
C MET A 206 -0.04 -18.13 12.61
N GLN A 207 -0.89 -17.11 12.60
CA GLN A 207 -2.29 -17.34 12.95
C GLN A 207 -2.88 -18.40 12.05
N ARG A 208 -2.53 -18.35 10.75
CA ARG A 208 -3.07 -19.29 9.78
C ARG A 208 -2.61 -20.72 10.03
N VAL A 209 -1.42 -20.91 10.57
CA VAL A 209 -0.92 -22.26 10.82
C VAL A 209 -1.15 -22.70 12.25
N GLY A 210 -1.76 -21.86 13.08
CA GLY A 210 -2.07 -22.26 14.44
C GLY A 210 -0.96 -22.01 15.43
N ASN A 211 0.10 -21.33 15.01
CA ASN A 211 1.20 -21.03 15.90
C ASN A 211 0.80 -19.90 16.84
N LYS A 212 0.84 -20.14 18.13
CA LYS A 212 0.35 -19.17 19.10
C LYS A 212 1.30 -18.00 19.36
N GLU A 213 2.48 -18.02 18.73
N GLU A 213 2.49 -18.00 18.78
CA GLU A 213 3.47 -16.95 18.83
CA GLU A 213 3.36 -16.86 19.02
C GLU A 213 3.03 -15.67 18.12
C GLU A 213 2.97 -15.63 18.21
N ALA A 214 1.94 -15.71 17.35
CA ALA A 214 1.54 -14.56 16.54
C ALA A 214 1.44 -13.25 17.34
N TYR A 215 0.74 -13.27 18.46
CA TYR A 215 0.53 -12.00 19.14
C TYR A 215 1.79 -11.50 19.82
N LYS A 216 2.80 -12.35 19.98
CA LYS A 216 4.10 -11.85 20.43
C LYS A 216 4.65 -10.85 19.42
N TRP A 217 4.54 -11.18 18.13
CA TRP A 217 5.01 -10.29 17.08
C TRP A 217 4.09 -9.09 16.92
N TYR A 218 2.79 -9.27 17.13
CA TYR A 218 1.95 -8.09 17.15
C TYR A 218 2.35 -7.11 18.26
N GLU A 219 2.67 -7.64 19.46
CA GLU A 219 3.05 -6.75 20.55
C GLU A 219 4.34 -6.05 20.24
N LEU A 220 5.31 -6.77 19.67
CA LEU A 220 6.58 -6.15 19.35
C LEU A 220 6.41 -5.15 18.21
N GLY A 221 5.55 -5.42 17.22
CA GLY A 221 5.28 -4.43 16.18
C GLY A 221 4.61 -3.19 16.74
N HIS A 222 3.74 -3.37 17.72
CA HIS A 222 3.17 -2.23 18.45
C HIS A 222 4.26 -1.47 19.20
N LYS A 223 5.07 -2.18 19.98
CA LYS A 223 6.10 -1.53 20.77
C LYS A 223 7.06 -0.74 19.90
N ARG A 224 7.29 -1.20 18.67
CA ARG A 224 8.18 -0.54 17.73
C ARG A 224 7.46 0.46 16.84
N GLY A 225 6.20 0.79 17.14
CA GLY A 225 5.53 1.90 16.52
C GLY A 225 4.91 1.61 15.17
N HIS A 226 4.78 0.36 14.78
CA HIS A 226 4.19 0.05 13.48
C HIS A 226 2.67 -0.03 13.52
N PHE A 227 2.12 -0.43 14.65
CA PHE A 227 0.68 -0.61 14.81
C PHE A 227 0.14 0.34 15.87
N ALA A 228 -1.05 0.90 15.62
CA ALA A 228 -1.65 1.75 16.64
C ALA A 228 -1.87 0.96 17.93
N SER A 229 -2.17 -0.32 17.78
CA SER A 229 -2.42 -1.21 18.91
C SER A 229 -2.22 -2.63 18.42
N VAL A 230 -2.27 -3.57 19.36
N VAL A 230 -2.27 -3.57 19.35
CA VAL A 230 -2.13 -4.98 18.98
CA VAL A 230 -2.13 -4.97 18.97
C VAL A 230 -3.36 -5.46 18.19
C VAL A 230 -3.32 -5.43 18.14
N TRP A 231 -4.51 -4.84 18.42
N TRP A 231 -4.50 -4.85 18.36
CA TRP A 231 -5.73 -5.20 17.72
CA TRP A 231 -5.70 -5.26 17.65
C TRP A 231 -5.88 -4.50 16.37
C TRP A 231 -5.95 -4.47 16.37
N GLN A 232 -5.34 -3.30 16.22
CA GLN A 232 -5.61 -2.42 15.09
C GLN A 232 -4.28 -2.29 14.34
N ARG A 233 -4.15 -3.04 13.25
CA ARG A 233 -2.85 -3.25 12.61
C ARG A 233 -2.79 -2.72 11.20
N SER A 234 -3.72 -1.84 10.82
CA SER A 234 -3.62 -1.11 9.58
C SER A 234 -2.28 -0.39 9.51
N LEU A 235 -1.79 -0.20 8.28
CA LEU A 235 -0.50 0.45 8.06
C LEU A 235 -0.59 1.76 7.29
N TYR A 236 -1.78 2.20 6.86
CA TYR A 236 -1.97 3.45 6.13
C TYR A 236 -2.92 4.30 6.96
N ASN A 237 -2.35 5.02 7.94
CA ASN A 237 -3.18 5.66 8.94
C ASN A 237 -3.00 7.16 8.97
N VAL A 238 -4.07 7.85 9.34
CA VAL A 238 -3.99 9.19 9.88
C VAL A 238 -3.97 9.03 11.40
N ASN A 239 -2.87 9.42 12.04
CA ASN A 239 -2.79 9.24 13.48
C ASN A 239 -3.78 10.15 14.19
N GLY A 240 -4.36 9.64 15.27
CA GLY A 240 -5.27 10.44 16.06
C GLY A 240 -6.74 10.13 15.86
N LEU A 241 -7.09 9.37 14.85
CA LEU A 241 -8.50 9.12 14.64
C LEU A 241 -9.05 8.22 15.74
N LYS A 242 -10.25 8.54 16.21
CA LYS A 242 -10.93 7.70 17.19
C LYS A 242 -10.95 6.25 16.75
N ALA A 243 -10.52 5.35 17.65
CA ALA A 243 -10.34 3.93 17.33
C ALA A 243 -11.19 3.06 18.25
N GLN A 244 -12.20 2.41 17.68
CA GLN A 244 -13.02 1.45 18.41
C GLN A 244 -13.55 0.45 17.39
N PRO A 245 -13.68 -0.83 17.75
CA PRO A 245 -14.05 -1.81 16.72
C PRO A 245 -15.46 -1.61 16.17
N TRP A 246 -16.41 -1.22 17.01
CA TRP A 246 -17.83 -1.13 16.65
C TRP A 246 -18.35 0.28 16.89
N TRP A 247 -19.15 0.76 15.95
CA TRP A 247 -19.67 2.11 15.95
C TRP A 247 -21.18 2.04 15.84
N THR A 248 -21.91 3.05 16.49
CA THR A 248 -23.31 3.27 16.22
C THR A 248 -23.47 4.27 15.09
N PRO A 249 -24.66 4.32 14.46
CA PRO A 249 -24.89 5.38 13.45
C PRO A 249 -24.65 6.79 14.01
N LYS A 250 -25.20 7.10 15.18
CA LYS A 250 -25.02 8.46 15.69
C LYS A 250 -23.56 8.74 16.01
N GLU A 251 -22.80 7.74 16.50
CA GLU A 251 -21.37 7.96 16.77
C GLU A 251 -20.67 8.34 15.47
N THR A 252 -21.11 7.74 14.34
CA THR A 252 -20.47 8.09 13.08
C THR A 252 -20.91 9.43 12.54
N GLY A 253 -22.12 9.88 12.89
CA GLY A 253 -22.76 11.06 12.33
C GLY A 253 -23.41 10.87 10.98
N TYR A 254 -23.29 9.70 10.37
CA TYR A 254 -23.86 9.47 9.04
C TYR A 254 -25.31 8.92 9.12
N THR A 255 -26.19 9.66 9.81
CA THR A 255 -27.51 9.14 10.19
C THR A 255 -28.42 9.15 8.99
N GLU A 256 -28.22 10.12 8.10
CA GLU A 256 -29.05 10.13 6.92
C GLU A 256 -28.71 8.96 6.02
N LEU A 257 -27.40 8.62 5.88
CA LEU A 257 -26.99 7.46 5.07
C LEU A 257 -27.54 6.16 5.65
N VAL A 258 -27.41 5.98 6.96
CA VAL A 258 -27.90 4.74 7.55
C VAL A 258 -29.41 4.62 7.37
N LYS A 259 -30.14 5.73 7.58
CA LYS A 259 -31.57 5.71 7.36
C LYS A 259 -31.92 5.38 5.93
N SER A 260 -31.21 5.97 4.97
CA SER A 260 -31.53 5.66 3.59
C SER A 260 -31.29 4.18 3.28
N LEU A 261 -30.20 3.63 3.80
CA LEU A 261 -29.92 2.21 3.56
C LEU A 261 -31.00 1.32 4.17
N GLU A 262 -31.37 1.57 5.42
CA GLU A 262 -32.35 0.73 6.07
C GLU A 262 -33.75 0.92 5.47
N ARG A 263 -34.15 2.15 5.20
CA ARG A 263 -35.52 2.36 4.73
C ARG A 263 -35.71 1.79 3.32
N ASN A 264 -34.65 1.79 2.50
CA ASN A 264 -34.71 1.32 1.13
C ASN A 264 -34.05 -0.07 0.94
N TRP A 265 -33.93 -0.84 2.01
CA TRP A 265 -33.13 -2.06 1.92
C TRP A 265 -33.66 -3.07 0.92
N LYS A 266 -34.99 -3.15 0.71
CA LYS A 266 -35.52 -4.20 -0.16
C LYS A 266 -35.14 -3.91 -1.60
N LEU A 267 -35.12 -2.64 -1.97
N LEU A 267 -35.12 -2.64 -1.97
CA LEU A 267 -34.69 -2.26 -3.33
CA LEU A 267 -34.69 -2.26 -3.33
C LEU A 267 -33.23 -2.64 -3.56
C LEU A 267 -33.24 -2.64 -3.56
N ILE A 268 -32.37 -2.34 -2.59
CA ILE A 268 -30.96 -2.71 -2.67
C ILE A 268 -30.83 -4.22 -2.78
N ARG A 269 -31.53 -4.95 -1.91
CA ARG A 269 -31.56 -6.42 -1.99
C ARG A 269 -31.96 -6.88 -3.38
N ASP A 270 -33.06 -6.35 -3.90
CA ASP A 270 -33.65 -6.93 -5.10
C ASP A 270 -32.76 -6.67 -6.30
N GLU A 271 -32.07 -5.52 -6.34
CA GLU A 271 -31.11 -5.30 -7.42
C GLU A 271 -29.94 -6.27 -7.33
N GLY A 272 -29.46 -6.56 -6.11
CA GLY A 272 -28.39 -7.54 -5.97
C GLY A 272 -28.80 -8.93 -6.42
N LEU A 273 -30.01 -9.33 -6.03
CA LEU A 273 -30.50 -10.65 -6.40
C LEU A 273 -30.70 -10.75 -7.90
N ALA A 274 -31.16 -9.67 -8.53
CA ALA A 274 -31.32 -9.73 -9.98
C ALA A 274 -29.99 -9.93 -10.66
N VAL A 275 -28.93 -9.27 -10.16
CA VAL A 275 -27.59 -9.49 -10.72
C VAL A 275 -27.12 -10.93 -10.46
N MET A 276 -27.40 -11.47 -9.27
CA MET A 276 -27.12 -12.89 -9.04
C MET A 276 -27.78 -13.78 -10.09
N ASP A 277 -28.99 -13.42 -10.48
CA ASP A 277 -29.80 -14.33 -11.26
C ASP A 277 -29.48 -14.26 -12.73
N LYS A 278 -29.22 -13.05 -13.23
N LYS A 278 -29.30 -13.03 -13.24
CA LYS A 278 -29.06 -12.88 -14.66
CA LYS A 278 -29.10 -12.81 -14.69
C LYS A 278 -27.77 -12.20 -15.07
C LYS A 278 -27.73 -12.27 -15.07
N ALA A 279 -26.87 -11.86 -14.14
CA ALA A 279 -25.59 -11.28 -14.51
C ALA A 279 -24.53 -11.70 -13.49
N LYS A 280 -24.47 -13.00 -13.21
CA LYS A 280 -23.71 -13.41 -12.03
C LYS A 280 -22.22 -13.13 -12.18
N GLY A 281 -21.75 -13.06 -13.43
CA GLY A 281 -20.38 -12.70 -13.72
C GLY A 281 -19.93 -11.35 -13.22
N LEU A 282 -20.86 -10.46 -12.83
CA LEU A 282 -20.53 -9.20 -12.16
C LEU A 282 -19.99 -9.43 -10.74
N PHE A 283 -20.30 -10.59 -10.13
CA PHE A 283 -19.74 -10.96 -8.83
C PHE A 283 -18.42 -11.66 -9.06
N LEU A 284 -17.38 -11.11 -8.48
CA LEU A 284 -16.05 -11.62 -8.67
C LEU A 284 -15.58 -12.28 -7.37
N PRO A 285 -14.92 -13.43 -7.46
CA PRO A 285 -14.42 -14.07 -6.24
C PRO A 285 -13.44 -13.20 -5.50
N GLU A 286 -13.49 -13.29 -4.18
CA GLU A 286 -12.52 -12.58 -3.34
C GLU A 286 -11.11 -13.04 -3.68
N ASP A 287 -10.20 -12.07 -3.86
CA ASP A 287 -8.93 -12.38 -4.50
C ASP A 287 -7.74 -11.84 -3.72
N GLU A 288 -7.85 -11.77 -2.38
CA GLU A 288 -6.79 -11.27 -1.52
C GLU A 288 -6.28 -12.36 -0.57
N ASN A 289 -6.55 -13.60 -0.90
CA ASN A 289 -6.12 -14.77 -0.14
C ASN A 289 -6.63 -14.75 1.29
N LEU A 290 -7.84 -14.22 1.51
CA LEU A 290 -8.33 -14.06 2.85
C LEU A 290 -9.07 -15.28 3.39
N ARG A 291 -9.45 -16.22 2.54
CA ARG A 291 -10.26 -17.34 3.00
C ARG A 291 -9.44 -18.55 3.41
N GLU A 292 -9.93 -19.21 4.46
CA GLU A 292 -9.48 -20.55 4.76
C GLU A 292 -10.12 -21.53 3.80
N LYS A 293 -11.41 -21.34 3.50
CA LYS A 293 -12.22 -22.25 2.72
C LYS A 293 -13.51 -21.51 2.40
N GLY A 294 -14.25 -22.03 1.43
CA GLY A 294 -15.57 -21.51 1.14
C GLY A 294 -15.56 -20.63 -0.08
N ASP A 295 -16.77 -20.22 -0.43
CA ASP A 295 -17.07 -19.42 -1.60
C ASP A 295 -17.60 -18.05 -1.16
N TRP A 296 -16.97 -17.00 -1.71
CA TRP A 296 -17.21 -15.62 -1.36
C TRP A 296 -16.88 -14.76 -2.56
N SER A 297 -17.84 -13.93 -2.97
N SER A 297 -17.84 -13.95 -2.99
CA SER A 297 -17.70 -13.05 -4.12
CA SER A 297 -17.68 -13.05 -4.14
C SER A 297 -18.35 -11.69 -3.83
C SER A 297 -18.34 -11.72 -3.85
N GLN A 298 -17.89 -10.71 -4.59
CA GLN A 298 -18.30 -9.33 -4.38
C GLN A 298 -18.56 -8.66 -5.73
N PHE A 299 -19.56 -7.78 -5.71
CA PHE A 299 -20.03 -7.04 -6.88
C PHE A 299 -19.90 -5.57 -6.53
N THR A 300 -18.89 -4.93 -7.13
CA THR A 300 -18.44 -3.61 -6.68
C THR A 300 -19.03 -2.49 -7.53
N LEU A 301 -19.66 -1.53 -6.85
CA LEU A 301 -20.29 -0.37 -7.48
C LEU A 301 -19.36 0.84 -7.48
N TRP A 302 -18.61 1.04 -6.38
CA TRP A 302 -17.58 2.08 -6.28
C TRP A 302 -16.31 1.50 -5.68
N GLN A 303 -15.17 2.01 -6.12
CA GLN A 303 -13.88 1.69 -5.50
C GLN A 303 -13.02 2.91 -5.70
N GLN A 304 -12.26 3.28 -4.67
CA GLN A 304 -11.40 4.45 -4.73
C GLN A 304 -12.16 5.70 -5.16
N GLY A 305 -13.42 5.78 -4.73
CA GLY A 305 -14.22 6.94 -4.98
C GLY A 305 -14.68 7.11 -6.40
N ARG A 306 -14.55 6.07 -7.23
N ARG A 306 -14.57 6.07 -7.22
CA ARG A 306 -14.92 6.11 -8.63
CA ARG A 306 -14.94 6.13 -8.62
C ARG A 306 -16.06 5.14 -8.90
C ARG A 306 -16.06 5.14 -8.90
N ARG A 307 -17.14 5.64 -9.50
CA ARG A 307 -18.28 4.81 -9.85
C ARG A 307 -17.90 3.88 -11.00
N ASN A 308 -18.25 2.60 -10.87
CA ASN A 308 -18.12 1.64 -11.97
C ASN A 308 -19.42 1.72 -12.78
N GLU A 309 -19.35 2.34 -13.96
CA GLU A 309 -20.57 2.65 -14.71
C GLU A 309 -21.29 1.38 -15.18
N ASN A 310 -20.54 0.41 -15.70
CA ASN A 310 -21.14 -0.87 -16.12
C ASN A 310 -21.78 -1.57 -14.94
N ALA A 311 -21.08 -1.62 -13.80
CA ALA A 311 -21.65 -2.22 -12.61
C ALA A 311 -22.96 -1.54 -12.23
N CYS A 312 -22.98 -0.20 -12.26
CA CYS A 312 -24.17 0.50 -11.80
C CYS A 312 -25.32 0.27 -12.73
N LYS A 313 -25.07 -0.12 -13.99
N LYS A 313 -25.09 -0.16 -13.97
CA LYS A 313 -26.21 -0.55 -14.82
CA LYS A 313 -26.22 -0.58 -14.81
C LYS A 313 -26.96 -1.76 -14.25
C LYS A 313 -27.00 -1.73 -14.17
N GLY A 314 -26.30 -2.58 -13.41
CA GLY A 314 -26.92 -3.70 -12.75
C GLY A 314 -27.65 -3.35 -11.47
N ALA A 315 -27.34 -2.19 -10.88
CA ALA A 315 -28.02 -1.74 -9.66
C ALA A 315 -28.32 -0.25 -9.75
N PRO A 316 -29.12 0.11 -10.74
CA PRO A 316 -29.22 1.54 -11.09
C PRO A 316 -29.90 2.36 -10.00
N LYS A 317 -30.92 1.81 -9.34
CA LYS A 317 -31.62 2.59 -8.31
C LYS A 317 -30.75 2.71 -7.07
N THR A 318 -30.02 1.65 -6.75
CA THR A 318 -29.09 1.67 -5.62
C THR A 318 -28.00 2.70 -5.84
N CYS A 319 -27.46 2.73 -7.05
CA CYS A 319 -26.42 3.73 -7.34
C CYS A 319 -26.99 5.16 -7.29
N THR A 320 -28.22 5.36 -7.74
CA THR A 320 -28.83 6.68 -7.64
C THR A 320 -29.01 7.08 -6.18
N LEU A 321 -29.44 6.14 -5.37
CA LEU A 321 -29.64 6.40 -3.95
C LEU A 321 -28.35 6.83 -3.28
N LEU A 322 -27.25 6.14 -3.61
CA LEU A 322 -25.96 6.40 -2.99
C LEU A 322 -25.32 7.72 -3.44
N GLU A 323 -25.66 8.22 -4.64
CA GLU A 323 -25.07 9.46 -5.14
C GLU A 323 -25.34 10.64 -4.22
N LYS A 324 -26.35 10.54 -3.37
N LYS A 324 -26.35 10.54 -3.37
CA LYS A 324 -26.68 11.59 -2.41
CA LYS A 324 -26.66 11.61 -2.42
C LYS A 324 -25.74 11.62 -1.21
C LYS A 324 -25.71 11.64 -1.21
N PHE A 325 -24.82 10.66 -1.07
CA PHE A 325 -23.94 10.57 0.10
C PHE A 325 -22.46 10.55 -0.28
N PRO A 326 -21.86 11.73 -0.46
CA PRO A 326 -20.43 11.75 -0.83
C PRO A 326 -19.52 11.18 0.23
N GLU A 327 -19.99 11.04 1.49
CA GLU A 327 -19.15 10.46 2.53
C GLU A 327 -18.79 9.01 2.21
N THR A 328 -19.57 8.36 1.35
CA THR A 328 -19.25 7.05 0.82
C THR A 328 -18.85 7.08 -0.64
N THR A 329 -19.59 7.77 -1.51
CA THR A 329 -19.19 7.73 -2.92
C THR A 329 -17.85 8.39 -3.16
N GLY A 330 -17.42 9.28 -2.28
CA GLY A 330 -16.14 9.92 -2.41
C GLY A 330 -15.12 9.36 -1.46
N CYS A 331 -15.41 8.23 -0.80
CA CYS A 331 -14.46 7.58 0.10
C CYS A 331 -13.42 6.88 -0.77
N ARG A 332 -12.29 7.55 -1.04
CA ARG A 332 -11.26 6.99 -1.91
C ARG A 332 -10.40 5.93 -1.20
N ARG A 333 -10.72 5.60 0.04
CA ARG A 333 -10.06 4.52 0.76
C ARG A 333 -11.06 3.45 1.16
N GLY A 334 -12.14 3.32 0.40
CA GLY A 334 -13.10 2.27 0.66
C GLY A 334 -13.83 1.91 -0.61
N GLN A 335 -14.80 1.01 -0.45
CA GLN A 335 -15.60 0.57 -1.59
C GLN A 335 -17.08 0.61 -1.23
N ILE A 336 -17.91 0.43 -2.27
CA ILE A 336 -19.33 0.16 -2.12
C ILE A 336 -19.59 -1.10 -2.95
N LYS A 337 -20.07 -2.14 -2.29
CA LYS A 337 -20.15 -3.44 -2.95
C LYS A 337 -21.13 -4.39 -2.28
N TYR A 338 -21.77 -5.21 -3.10
CA TYR A 338 -22.47 -6.37 -2.58
C TYR A 338 -21.47 -7.45 -2.27
N SER A 339 -21.79 -8.26 -1.24
CA SER A 339 -20.92 -9.34 -0.81
C SER A 339 -21.75 -10.58 -0.51
N ILE A 340 -21.54 -11.64 -1.30
CA ILE A 340 -22.25 -12.92 -1.10
C ILE A 340 -21.26 -13.95 -0.56
N MET A 341 -21.68 -14.65 0.50
CA MET A 341 -20.88 -15.69 1.15
C MET A 341 -21.77 -16.90 1.33
N HIS A 342 -21.24 -18.06 0.99
CA HIS A 342 -21.94 -19.33 1.00
C HIS A 342 -21.53 -20.22 2.17
N PRO A 343 -22.29 -21.27 2.45
CA PRO A 343 -21.95 -22.13 3.58
C PRO A 343 -20.59 -22.78 3.44
N GLY A 344 -19.98 -23.05 4.59
CA GLY A 344 -18.68 -23.66 4.65
C GLY A 344 -17.59 -22.64 4.46
N THR A 345 -17.88 -21.37 4.71
CA THR A 345 -16.87 -20.34 4.49
C THR A 345 -16.31 -19.87 5.82
N HIS A 346 -14.99 -19.70 5.89
CA HIS A 346 -14.34 -19.10 7.03
C HIS A 346 -13.30 -18.15 6.48
N VAL A 347 -13.41 -16.89 6.87
CA VAL A 347 -12.42 -15.89 6.52
C VAL A 347 -11.43 -15.78 7.68
N TRP A 348 -10.15 -15.92 7.36
CA TRP A 348 -9.15 -15.86 8.40
C TRP A 348 -9.22 -14.51 9.12
N PRO A 349 -8.87 -14.49 10.40
CA PRO A 349 -8.64 -13.20 11.06
C PRO A 349 -7.75 -12.32 10.22
N ALA A 350 -8.09 -11.04 10.16
CA ALA A 350 -7.44 -10.16 9.19
C ALA A 350 -7.79 -8.72 9.52
N THR A 351 -7.03 -7.82 8.91
CA THR A 351 -7.10 -6.39 9.12
C THR A 351 -7.10 -5.73 7.75
N GLY A 352 -7.94 -4.72 7.60
CA GLY A 352 -7.87 -3.84 6.45
C GLY A 352 -6.64 -2.91 6.47
N PRO A 353 -6.42 -2.21 5.36
CA PRO A 353 -5.15 -1.48 5.20
C PRO A 353 -5.13 -0.14 5.89
N THR A 354 -6.27 0.42 6.26
CA THR A 354 -6.27 1.82 6.65
C THR A 354 -7.25 2.09 7.78
N ASN A 355 -6.85 2.94 8.71
CA ASN A 355 -7.79 3.37 9.72
C ASN A 355 -8.67 4.52 9.25
N CYS A 356 -8.59 4.92 7.98
CA CYS A 356 -9.30 6.08 7.49
C CYS A 356 -10.72 5.81 7.02
N ARG A 357 -11.20 4.57 7.06
CA ARG A 357 -12.57 4.29 6.72
C ARG A 357 -13.25 3.51 7.84
N LEU A 358 -14.58 3.60 7.86
CA LEU A 358 -15.45 2.74 8.63
C LEU A 358 -16.27 1.97 7.62
N ARG A 359 -16.65 0.77 7.99
CA ARG A 359 -17.38 -0.12 7.07
C ARG A 359 -18.77 -0.40 7.59
N MET A 360 -19.79 -0.02 6.83
CA MET A 360 -21.17 -0.37 7.10
C MET A 360 -21.51 -1.64 6.36
N HIS A 361 -22.29 -2.49 7.01
CA HIS A 361 -22.86 -3.68 6.40
C HIS A 361 -24.37 -3.60 6.57
N LEU A 362 -25.09 -3.62 5.48
CA LEU A 362 -26.55 -3.69 5.45
C LEU A 362 -26.93 -5.15 5.17
N GLY A 363 -27.71 -5.76 6.07
CA GLY A 363 -28.15 -7.14 5.84
C GLY A 363 -29.20 -7.17 4.74
N LEU A 364 -29.02 -8.10 3.77
CA LEU A 364 -29.98 -8.23 2.68
C LEU A 364 -30.65 -9.60 2.62
N VAL A 365 -29.88 -10.70 2.66
CA VAL A 365 -30.42 -12.04 2.80
C VAL A 365 -29.57 -12.72 3.86
N ILE A 366 -30.13 -12.89 5.05
CA ILE A 366 -29.37 -13.38 6.19
C ILE A 366 -30.05 -14.65 6.69
N PRO A 367 -29.45 -15.81 6.51
CA PRO A 367 -30.03 -17.05 7.09
C PRO A 367 -30.19 -16.87 8.59
N LYS A 368 -31.22 -17.51 9.17
CA LYS A 368 -31.48 -17.30 10.59
C LYS A 368 -30.37 -17.82 11.50
N GLU A 369 -29.60 -18.82 11.05
N GLU A 369 -29.59 -18.81 11.06
CA GLU A 369 -28.46 -19.30 11.82
CA GLU A 369 -28.47 -19.31 11.83
C GLU A 369 -27.24 -19.49 10.92
C GLU A 369 -27.24 -19.52 10.94
N GLY A 370 -26.07 -19.43 11.55
CA GLY A 370 -24.84 -19.88 10.93
C GLY A 370 -23.91 -18.77 10.49
N CYS A 371 -24.38 -17.53 10.44
CA CYS A 371 -23.55 -16.44 9.93
C CYS A 371 -23.18 -15.50 11.06
N LYS A 372 -21.89 -15.19 11.16
CA LYS A 372 -21.50 -14.21 12.17
C LYS A 372 -20.19 -13.56 11.79
N ILE A 373 -19.95 -12.39 12.40
CA ILE A 373 -18.71 -11.63 12.23
C ILE A 373 -18.15 -11.22 13.60
N ARG A 374 -16.85 -11.44 13.81
CA ARG A 374 -16.15 -10.95 15.01
C ARG A 374 -15.29 -9.75 14.60
N CYS A 375 -15.35 -8.67 15.38
CA CYS A 375 -14.37 -7.60 15.29
C CYS A 375 -13.79 -7.37 16.67
N ALA A 376 -12.47 -7.40 16.76
CA ALA A 376 -11.73 -7.32 18.03
C ALA A 376 -12.32 -8.35 18.98
N ASN A 377 -12.85 -7.96 20.14
N ASN A 377 -12.86 -7.96 20.14
CA ASN A 377 -13.38 -8.92 21.11
CA ASN A 377 -13.38 -8.88 21.13
C ASN A 377 -14.90 -9.00 21.11
C ASN A 377 -14.91 -8.99 21.12
N GLU A 378 -15.58 -8.42 20.13
CA GLU A 378 -17.03 -8.45 20.09
C GLU A 378 -17.49 -9.13 18.81
N THR A 379 -18.44 -10.05 18.95
CA THR A 379 -18.96 -10.82 17.82
C THR A 379 -20.46 -10.53 17.66
N LYS A 380 -20.87 -10.32 16.41
CA LYS A 380 -22.22 -9.87 16.11
C LYS A 380 -22.76 -10.64 14.92
N THR A 381 -24.07 -10.52 14.74
CA THR A 381 -24.75 -11.13 13.60
C THR A 381 -25.41 -10.03 12.78
N TRP A 382 -25.67 -10.33 11.52
CA TRP A 382 -26.42 -9.38 10.70
C TRP A 382 -27.92 -9.60 10.85
N GLU A 383 -28.67 -8.59 10.42
N GLU A 383 -28.68 -8.61 10.36
CA GLU A 383 -30.13 -8.69 10.33
CA GLU A 383 -30.13 -8.66 10.34
C GLU A 383 -30.56 -8.05 9.03
C GLU A 383 -30.60 -8.00 9.04
N GLU A 384 -31.58 -8.63 8.39
CA GLU A 384 -32.11 -8.08 7.15
C GLU A 384 -32.70 -6.70 7.40
N GLY A 385 -32.27 -5.76 6.57
CA GLY A 385 -32.64 -4.37 6.65
C GLY A 385 -32.02 -3.55 7.76
N LYS A 386 -30.99 -4.05 8.42
CA LYS A 386 -30.31 -3.33 9.48
C LYS A 386 -28.85 -3.18 9.13
N VAL A 387 -28.29 -2.07 9.58
CA VAL A 387 -26.89 -1.73 9.34
C VAL A 387 -26.10 -2.01 10.60
N LEU A 388 -24.97 -2.71 10.44
CA LEU A 388 -23.88 -2.83 11.41
C LEU A 388 -22.70 -1.97 10.94
N ILE A 389 -21.92 -1.43 11.86
CA ILE A 389 -20.82 -0.55 11.49
C ILE A 389 -19.59 -0.95 12.30
N PHE A 390 -18.51 -1.29 11.62
CA PHE A 390 -17.30 -1.62 12.34
C PHE A 390 -16.10 -0.99 11.65
N ASP A 391 -14.98 -0.91 12.36
CA ASP A 391 -13.73 -0.41 11.83
C ASP A 391 -12.87 -1.60 11.43
N ASP A 392 -12.78 -1.85 10.14
CA ASP A 392 -12.12 -3.07 9.65
C ASP A 392 -10.60 -2.96 9.82
N SER A 393 -10.09 -1.83 10.31
CA SER A 393 -8.66 -1.79 10.63
C SER A 393 -8.35 -2.59 11.88
N PHE A 394 -9.38 -2.95 12.65
CA PHE A 394 -9.29 -3.90 13.74
C PHE A 394 -9.41 -5.31 13.17
N GLU A 395 -8.67 -6.22 13.78
CA GLU A 395 -8.77 -7.61 13.38
C GLU A 395 -10.22 -8.09 13.44
N HIS A 396 -10.66 -8.76 12.37
CA HIS A 396 -12.03 -9.26 12.27
C HIS A 396 -12.00 -10.59 11.50
N GLU A 397 -13.09 -11.35 11.66
CA GLU A 397 -13.12 -12.76 11.27
C GLU A 397 -14.57 -13.05 10.96
N VAL A 398 -14.82 -13.91 9.97
CA VAL A 398 -16.18 -14.12 9.49
C VAL A 398 -16.40 -15.61 9.27
N TRP A 399 -17.59 -16.07 9.66
CA TRP A 399 -18.00 -17.43 9.40
C TRP A 399 -19.37 -17.46 8.69
N GLN A 400 -19.52 -18.47 7.84
CA GLN A 400 -20.77 -18.78 7.13
C GLN A 400 -21.01 -20.30 7.22
N ASP A 401 -21.82 -20.74 8.17
CA ASP A 401 -22.21 -22.16 8.25
C ASP A 401 -23.71 -22.37 8.21
N ALA A 402 -24.41 -21.60 7.40
CA ALA A 402 -25.84 -21.76 7.17
C ALA A 402 -26.10 -22.88 6.16
N SER A 403 -27.32 -22.97 5.66
N SER A 403 -27.33 -22.97 5.67
CA SER A 403 -27.63 -23.92 4.60
CA SER A 403 -27.67 -23.92 4.62
C SER A 403 -27.99 -23.24 3.31
C SER A 403 -28.07 -23.22 3.34
N SER A 404 -27.82 -21.92 3.25
CA SER A 404 -28.08 -21.17 2.03
C SER A 404 -27.20 -19.92 2.08
N PHE A 405 -27.28 -19.14 1.03
CA PHE A 405 -26.38 -18.00 0.84
C PHE A 405 -26.74 -16.84 1.79
N ARG A 406 -25.73 -16.00 2.01
CA ARG A 406 -25.82 -14.80 2.86
C ARG A 406 -25.38 -13.61 2.02
N LEU A 407 -26.26 -12.65 1.80
CA LEU A 407 -25.99 -11.47 0.99
C LEU A 407 -26.06 -10.22 1.87
N ILE A 408 -24.99 -9.43 1.83
CA ILE A 408 -24.92 -8.14 2.49
C ILE A 408 -24.51 -7.11 1.46
N PHE A 409 -24.67 -5.86 1.87
CA PHE A 409 -24.24 -4.70 1.11
C PHE A 409 -23.26 -3.92 1.97
N ILE A 410 -22.09 -3.62 1.41
CA ILE A 410 -20.98 -3.04 2.16
C ILE A 410 -20.79 -1.62 1.65
N VAL A 411 -20.82 -0.67 2.58
CA VAL A 411 -20.72 0.76 2.26
C VAL A 411 -19.66 1.34 3.17
N ASP A 412 -18.50 1.69 2.59
CA ASP A 412 -17.41 2.32 3.31
C ASP A 412 -17.63 3.81 3.40
N VAL A 413 -17.38 4.36 4.57
CA VAL A 413 -17.39 5.81 4.72
C VAL A 413 -16.05 6.31 5.24
N TRP A 414 -15.78 7.59 4.97
CA TRP A 414 -14.63 8.22 5.59
C TRP A 414 -14.79 8.21 7.10
N HIS A 415 -13.73 7.87 7.81
CA HIS A 415 -13.72 8.09 9.24
C HIS A 415 -14.25 9.50 9.50
N PRO A 416 -15.18 9.66 10.45
CA PRO A 416 -15.90 10.95 10.56
C PRO A 416 -15.03 12.11 11.08
N GLU A 417 -13.88 11.84 11.67
CA GLU A 417 -13.05 12.93 12.17
C GLU A 417 -12.11 13.47 11.12
N LEU A 418 -11.96 12.78 10.00
CA LEU A 418 -11.15 13.31 8.91
C LEU A 418 -11.76 14.60 8.38
N THR A 419 -10.89 15.62 8.20
CA THR A 419 -11.36 16.89 7.71
C THR A 419 -11.57 16.86 6.20
N PRO A 420 -12.30 17.85 5.68
CA PRO A 420 -12.50 17.92 4.22
C PRO A 420 -11.22 17.92 3.41
N GLN A 421 -10.21 18.68 3.85
CA GLN A 421 -8.96 18.66 3.10
C GLN A 421 -8.31 17.28 3.15
N GLN A 422 -8.35 16.60 4.30
CA GLN A 422 -7.83 15.23 4.37
C GLN A 422 -8.56 14.31 3.39
N ARG A 423 -9.87 14.48 3.30
CA ARG A 423 -10.71 13.64 2.42
C ARG A 423 -10.32 13.93 0.98
N ARG A 424 -9.95 15.17 0.67
CA ARG A 424 -9.53 15.52 -0.68
C ARG A 424 -8.12 15.06 -1.02
N SER A 425 -7.21 14.99 -0.04
CA SER A 425 -5.79 14.87 -0.34
C SER A 425 -5.22 13.50 -0.08
N LEU A 426 -5.84 12.71 0.79
CA LEU A 426 -5.24 11.44 1.18
C LEU A 426 -5.09 10.55 -0.06
N PRO A 427 -3.94 9.92 -0.26
CA PRO A 427 -3.81 8.99 -1.41
C PRO A 427 -4.87 7.90 -1.34
N ALA A 428 -5.43 7.58 -2.51
CA ALA A 428 -6.45 6.55 -2.59
C ALA A 428 -5.85 5.18 -2.28
N ILE A 429 -6.68 4.32 -1.69
CA ILE A 429 -6.35 2.94 -1.39
C ILE A 429 -7.48 2.04 -1.91
N ASN B 12 1.77 -1.72 -7.96
CA ASN B 12 1.71 -3.14 -7.64
C ASN B 12 0.65 -3.87 -8.47
N GLN B 13 -0.03 -3.14 -9.36
CA GLN B 13 -1.01 -3.70 -10.31
C GLN B 13 -2.11 -4.54 -9.64
N GLY B 14 -2.25 -4.39 -8.32
CA GLY B 14 -3.34 -4.98 -7.58
C GLY B 14 -3.56 -4.03 -6.42
N LYS B 15 -4.80 -3.98 -5.95
N LYS B 15 -4.80 -3.98 -5.95
CA LYS B 15 -5.18 -3.00 -4.95
CA LYS B 15 -5.20 -3.01 -4.96
C LYS B 15 -5.51 -3.69 -3.64
C LYS B 15 -5.51 -3.69 -3.64
N CYS B 16 -5.28 -2.95 -2.56
CA CYS B 16 -5.56 -3.42 -1.22
C CYS B 16 -7.00 -3.03 -0.91
N LYS B 17 -7.96 -3.91 -1.18
CA LYS B 17 -9.36 -3.57 -1.01
C LYS B 17 -9.81 -3.92 0.40
N ASP B 18 -9.76 -5.21 0.73
CA ASP B 18 -10.11 -5.73 2.04
C ASP B 18 -8.92 -6.03 2.93
N GLY B 19 -7.74 -6.18 2.34
CA GLY B 19 -6.58 -6.59 3.09
C GLY B 19 -5.33 -5.77 2.84
N LEU B 20 -4.20 -6.31 3.27
CA LEU B 20 -2.92 -5.63 3.21
C LEU B 20 -1.86 -6.49 2.52
N GLY B 21 -2.23 -7.09 1.39
CA GLY B 21 -1.41 -8.12 0.80
C GLY B 21 -0.42 -7.65 -0.23
N GLU B 22 -0.58 -6.43 -0.74
CA GLU B 22 0.38 -5.87 -1.68
C GLU B 22 1.56 -5.25 -0.94
N TYR B 23 2.70 -5.17 -1.64
CA TYR B 23 3.87 -4.56 -1.02
C TYR B 23 3.57 -3.11 -0.65
N THR B 24 2.92 -2.36 -1.54
N THR B 24 2.91 -2.37 -1.55
CA THR B 24 2.45 -1.03 -1.19
CA THR B 24 2.46 -1.01 -1.26
C THR B 24 1.02 -0.91 -1.68
C THR B 24 1.01 -0.90 -1.70
N CYS B 25 0.23 -0.12 -0.97
CA CYS B 25 -1.19 0.04 -1.27
C CYS B 25 -1.52 1.35 -1.95
N THR B 26 -0.57 2.26 -2.07
CA THR B 26 -0.82 3.55 -2.68
C THR B 26 0.09 3.73 -3.86
N SER B 27 -0.27 4.68 -4.73
CA SER B 27 0.63 5.16 -5.77
C SER B 27 1.08 6.58 -5.43
N LEU B 28 2.40 6.81 -5.49
CA LEU B 28 2.99 8.06 -5.02
C LEU B 28 2.91 9.14 -6.09
N GLU B 29 2.89 10.41 -5.63
CA GLU B 29 2.69 11.58 -6.49
C GLU B 29 3.70 12.68 -6.17
N GLY B 30 4.82 12.33 -5.54
CA GLY B 30 5.83 13.35 -5.22
C GLY B 30 5.39 14.22 -4.07
N PHE B 31 5.54 15.54 -4.23
CA PHE B 31 5.18 16.50 -3.21
C PHE B 31 3.66 16.63 -3.13
#